data_1OA1
#
_entry.id   1OA1
#
_cell.length_a   64.053
_cell.length_b   67.464
_cell.length_c   134.955
_cell.angle_alpha   90.00
_cell.angle_beta   90.00
_cell.angle_gamma   90.00
#
_symmetry.space_group_name_H-M   'P 21 21 21'
#
loop_
_entity.id
_entity.type
_entity.pdbx_description
1 polymer 'HYDROXYLAMINE REDUCTASE'
2 non-polymer 'IRON/SULFUR CLUSTER'
3 non-polymer 'FE4-S3 CLUSTER'
4 non-polymer GLYCEROL
5 water water
#
_entity_poly.entity_id   1
_entity_poly.type   'polypeptide(L)'
_entity_poly.pdbx_seq_one_letter_code
;MFCFQCQETAKNTGCTVKGMCGKPEETANLQDLLIFVLRGIAIYGEKLKELGQPDRSNDDFVLQGLFATITNANWDDARF
EAMISEGLARRDKLRNAFLAVYKAKNGKDFSEPLPEAATWTGDSTAFAEKAKSVGILATENEDVRSLRELLIIGLKGVAA
YAEHAAVLGFRKTEIDEFMLEALASTTKDLSVDEMVALVMKAGGMAVTTMALLDEANTTTYGNPEITQVNIGVGKNPGIL
ISGHDLKDMAELLKQTEGTGVDVYTHGEMLPANYYPAFKKYPHFVGNYGGSWWQQNPEFESFNGPILLTTNCLVPLKKEN
TYLDRLYTTGVVGYEGAKHIADRPAGGAKDFSALIAQAKKCPPPVEIETGSIVGGFAHHQVLALADKVVEAVKSGAIKRF
VVMAGCDGRQKSRSYYTEVAENLPKDTVILTAGCAKYRYNKLNLGDIGGIPRVLDAGQCNDSYSLAVIALKLKEVFGLDD
INDLPVSYDIAWYEQKAVAVLLALLFLGVKGIRLGPTLPAFLSPNVAKVLVENFNIKPIGTVQDDIAAMMAGK
;
_entity_poly.pdbx_strand_id   A
#
loop_
_chem_comp.id
_chem_comp.type
_chem_comp.name
_chem_comp.formula
GOL non-polymer GLYCEROL 'C3 H8 O3'
SF3 non-polymer 'FE4-S3 CLUSTER' 'Fe4 S3'
SF4 non-polymer 'IRON/SULFUR CLUSTER' 'Fe4 S4'
#
# COMPACT_ATOMS: atom_id res chain seq x y z
N MET A 1 -8.37 -0.30 -23.43
CA MET A 1 -7.57 0.14 -22.24
C MET A 1 -6.31 -0.68 -22.14
N PHE A 2 -5.41 -0.27 -21.25
CA PHE A 2 -4.29 -1.14 -20.91
C PHE A 2 -3.82 -0.84 -19.49
N CYS A 3 -3.90 -1.84 -18.64
CA CYS A 3 -3.42 -1.72 -17.27
C CYS A 3 -2.85 -3.07 -16.85
N PHE A 4 -1.68 -3.04 -16.20
CA PHE A 4 -1.01 -4.26 -15.77
C PHE A 4 -0.36 -4.16 -14.40
N GLN A 5 -0.84 -3.26 -13.58
CA GLN A 5 -0.15 -2.88 -12.35
C GLN A 5 -0.41 -3.79 -11.15
N CYS A 6 -1.38 -4.69 -11.24
CA CYS A 6 -1.63 -5.61 -10.10
C CYS A 6 -1.41 -7.07 -10.44
N GLN A 7 -1.34 -7.89 -9.41
CA GLN A 7 -1.05 -9.31 -9.56
C GLN A 7 -2.10 -10.04 -10.38
N GLU A 8 -3.32 -9.56 -10.35
CA GLU A 8 -4.46 -10.21 -10.99
C GLU A 8 -4.66 -9.84 -12.44
N THR A 9 -3.73 -9.09 -13.01
CA THR A 9 -3.88 -8.61 -14.38
C THR A 9 -4.15 -9.80 -15.33
N ALA A 10 -5.01 -9.54 -16.33
CA ALA A 10 -5.46 -10.58 -17.24
C ALA A 10 -4.29 -11.28 -17.92
N LYS A 11 -4.32 -12.61 -17.88
CA LYS A 11 -3.32 -13.47 -18.53
C LYS A 11 -1.90 -13.18 -18.03
N ASN A 12 -1.81 -12.61 -16.83
CA ASN A 12 -0.57 -12.07 -16.34
C ASN A 12 0.23 -11.28 -17.40
N THR A 13 -0.51 -10.50 -18.18
CA THR A 13 0.00 -9.72 -19.31
C THR A 13 -0.55 -8.29 -19.31
N GLY A 14 -1.87 -8.14 -19.12
CA GLY A 14 -2.50 -6.84 -19.13
C GLY A 14 -3.99 -6.92 -19.36
N CYS A 15 -4.72 -6.05 -18.68
CA CYS A 15 -6.15 -5.90 -18.89
C CYS A 15 -6.36 -4.94 -20.03
N THR A 16 -7.06 -5.42 -21.08
CA THR A 16 -7.26 -4.67 -22.32
C THR A 16 -8.69 -4.25 -22.64
N VAL A 17 -9.68 -4.85 -21.96
CA VAL A 17 -11.10 -4.54 -22.20
C VAL A 17 -11.74 -3.99 -20.95
N LYS A 18 -11.70 -4.79 -19.89
CA LYS A 18 -12.19 -4.39 -18.57
C LYS A 18 -11.26 -5.03 -17.54
N GLY A 19 -10.96 -4.32 -16.47
CA GLY A 19 -10.03 -4.83 -15.49
C GLY A 19 -10.58 -6.06 -14.82
N MET A 20 -9.70 -6.99 -14.48
CA MET A 20 -10.08 -8.12 -13.65
C MET A 20 -10.60 -7.66 -12.30
N CYS A 21 -10.17 -6.47 -11.86
CA CYS A 21 -10.65 -5.85 -10.63
C CYS A 21 -12.04 -5.26 -10.77
N GLY A 22 -12.49 -5.11 -12.02
CA GLY A 22 -13.74 -4.44 -12.37
C GLY A 22 -13.59 -3.05 -13.01
N LYS A 23 -12.37 -2.56 -13.14
CA LYS A 23 -12.14 -1.18 -13.61
C LYS A 23 -12.51 -1.06 -15.07
N PRO A 24 -13.52 -0.25 -15.38
CA PRO A 24 -13.89 -0.07 -16.79
C PRO A 24 -12.90 0.74 -17.56
N GLU A 25 -12.93 0.58 -18.87
CA GLU A 25 -12.06 1.31 -19.78
C GLU A 25 -12.03 2.81 -19.47
N GLU A 26 -13.18 3.41 -19.27
CA GLU A 26 -13.23 4.86 -19.11
C GLU A 26 -12.45 5.29 -17.85
N THR A 27 -12.60 4.52 -16.78
CA THR A 27 -11.91 4.78 -15.55
C THR A 27 -10.42 4.57 -15.69
N ALA A 28 -10.04 3.44 -16.28
CA ALA A 28 -8.64 3.12 -16.50
C ALA A 28 -7.98 4.25 -17.30
N ASN A 29 -8.63 4.70 -18.35
CA ASN A 29 -8.05 5.73 -19.20
C ASN A 29 -7.94 7.06 -18.46
N LEU A 30 -8.93 7.42 -17.67
CA LEU A 30 -8.85 8.65 -16.88
C LEU A 30 -7.69 8.58 -15.88
N GLN A 31 -7.43 7.39 -15.30
CA GLN A 31 -6.28 7.27 -14.39
C GLN A 31 -4.99 7.52 -15.18
N ASP A 32 -4.90 7.00 -16.40
CA ASP A 32 -3.72 7.27 -17.24
C ASP A 32 -3.54 8.77 -17.52
N LEU A 33 -4.63 9.46 -17.76
CA LEU A 33 -4.57 10.89 -18.06
C LEU A 33 -4.15 11.67 -16.84
N LEU A 34 -4.60 11.24 -15.66
CA LEU A 34 -4.14 11.88 -14.45
C LEU A 34 -2.63 11.74 -14.29
N ILE A 35 -2.11 10.53 -14.51
CA ILE A 35 -0.67 10.32 -14.38
C ILE A 35 0.10 11.16 -15.39
N PHE A 36 -0.44 11.29 -16.60
CA PHE A 36 0.10 12.18 -17.65
C PHE A 36 0.20 13.60 -17.13
N VAL A 37 -0.87 14.10 -16.53
CA VAL A 37 -0.86 15.47 -16.00
C VAL A 37 0.13 15.59 -14.87
N LEU A 38 0.25 14.56 -14.01
CA LEU A 38 1.24 14.59 -12.94
C LEU A 38 2.66 14.64 -13.50
N ARG A 39 2.92 13.97 -14.62
CA ARG A 39 4.22 14.08 -15.28
C ARG A 39 4.50 15.52 -15.69
N GLY A 40 3.47 16.22 -16.16
CA GLY A 40 3.59 17.63 -16.54
C GLY A 40 3.96 18.50 -15.36
N ILE A 41 3.26 18.32 -14.25
CA ILE A 41 3.60 19.00 -12.99
C ILE A 41 5.05 18.74 -12.63
N ALA A 42 5.46 17.49 -12.77
CA ALA A 42 6.81 17.07 -12.38
C ALA A 42 7.89 17.72 -13.22
N ILE A 43 7.66 17.85 -14.52
CA ILE A 43 8.62 18.47 -15.40
C ILE A 43 8.94 19.88 -14.93
N TYR A 44 7.91 20.68 -14.66
CA TYR A 44 8.17 22.04 -14.22
C TYR A 44 8.68 22.09 -12.79
N GLY A 45 8.14 21.24 -11.94
CA GLY A 45 8.57 21.25 -10.55
C GLY A 45 10.03 20.88 -10.37
N GLU A 46 10.48 19.92 -11.15
CA GLU A 46 11.87 19.52 -11.13
C GLU A 46 12.74 20.66 -11.63
N LYS A 47 12.32 21.31 -12.73
CA LYS A 47 13.09 22.44 -13.28
C LYS A 47 13.22 23.59 -12.27
N LEU A 48 12.16 23.88 -11.54
CA LEU A 48 12.16 24.95 -10.54
C LEU A 48 13.12 24.62 -9.40
N LYS A 49 13.15 23.36 -8.97
CA LYS A 49 14.11 22.95 -7.95
C LYS A 49 15.54 23.14 -8.47
N GLU A 50 15.79 22.74 -9.72
CA GLU A 50 17.11 22.84 -10.33
C GLU A 50 17.57 24.30 -10.45
N LEU A 51 16.61 25.20 -10.61
CA LEU A 51 16.89 26.65 -10.71
C LEU A 51 17.05 27.30 -9.32
N GLY A 52 16.85 26.53 -8.26
CA GLY A 52 16.99 27.00 -6.88
C GLY A 52 15.79 27.72 -6.33
N GLN A 53 14.64 27.52 -6.99
CA GLN A 53 13.39 28.11 -6.55
C GLN A 53 12.31 27.02 -6.49
N PRO A 54 12.50 26.00 -5.65
CA PRO A 54 11.53 24.91 -5.57
C PRO A 54 10.18 25.41 -5.11
N ASP A 55 9.13 24.83 -5.68
CA ASP A 55 7.75 25.10 -5.31
C ASP A 55 7.21 23.76 -4.81
N ARG A 56 6.78 23.73 -3.56
CA ARG A 56 6.29 22.53 -2.91
C ARG A 56 4.77 22.57 -2.72
N SER A 57 4.08 23.51 -3.37
CA SER A 57 2.65 23.73 -3.18
C SER A 57 1.78 22.57 -3.71
N ASN A 58 2.35 21.69 -4.52
CA ASN A 58 1.58 20.60 -5.10
C ASN A 58 1.89 19.28 -4.43
N ASP A 59 2.62 19.31 -3.32
CA ASP A 59 3.07 18.06 -2.70
C ASP A 59 1.92 17.10 -2.39
N ASP A 60 0.90 17.59 -1.71
CA ASP A 60 -0.19 16.72 -1.32
C ASP A 60 -0.99 16.29 -2.54
N PHE A 61 -1.20 17.20 -3.48
CA PHE A 61 -1.94 16.87 -4.70
C PHE A 61 -1.30 15.70 -5.44
N VAL A 62 0.03 15.74 -5.55
CA VAL A 62 0.77 14.69 -6.23
C VAL A 62 0.61 13.35 -5.50
N LEU A 63 0.79 13.36 -4.19
CA LEU A 63 0.63 12.11 -3.43
C LEU A 63 -0.78 11.54 -3.59
N GLN A 64 -1.78 12.39 -3.47
CA GLN A 64 -3.17 11.93 -3.53
C GLN A 64 -3.52 11.43 -4.92
N GLY A 65 -2.98 12.08 -5.94
CA GLY A 65 -3.25 11.69 -7.32
C GLY A 65 -2.69 10.32 -7.61
N LEU A 66 -1.44 10.08 -7.21
CA LEU A 66 -0.83 8.76 -7.40
C LEU A 66 -1.62 7.71 -6.62
N PHE A 67 -1.97 8.00 -5.37
CA PHE A 67 -2.65 7.05 -4.50
C PHE A 67 -4.02 6.70 -5.11
N ALA A 68 -4.69 7.69 -5.69
CA ALA A 68 -6.01 7.44 -6.27
C ALA A 68 -5.99 6.43 -7.41
N THR A 69 -4.81 6.20 -8.01
CA THR A 69 -4.69 5.25 -9.10
C THR A 69 -4.20 3.87 -8.67
N ILE A 70 -4.02 3.64 -7.37
CA ILE A 70 -3.76 2.31 -6.86
C ILE A 70 -4.95 1.41 -7.08
N THR A 71 -4.68 0.14 -7.31
CA THR A 71 -5.75 -0.83 -7.48
C THR A 71 -6.77 -0.77 -6.35
N ASN A 72 -8.04 -0.77 -6.72
CA ASN A 72 -9.15 -0.77 -5.78
C ASN A 72 -9.19 0.48 -4.86
N ALA A 73 -8.66 1.60 -5.32
CA ALA A 73 -8.70 2.84 -4.55
C ALA A 73 -9.87 3.76 -4.91
N ASN A 74 -10.03 4.09 -6.18
CA ASN A 74 -11.02 5.09 -6.58
C ASN A 74 -11.63 4.68 -7.89
N TRP A 75 -12.94 4.61 -7.86
CA TRP A 75 -13.79 4.15 -8.94
C TRP A 75 -14.65 5.25 -9.55
N ASP A 76 -14.53 6.47 -9.02
CA ASP A 76 -15.48 7.56 -9.34
C ASP A 76 -14.90 8.44 -10.44
N ASP A 77 -15.39 8.29 -11.65
CA ASP A 77 -14.83 9.03 -12.79
C ASP A 77 -14.93 10.52 -12.57
N ALA A 78 -15.97 10.98 -11.89
CA ALA A 78 -16.10 12.42 -11.57
C ALA A 78 -14.93 12.93 -10.75
N ARG A 79 -14.44 12.10 -9.84
CA ARG A 79 -13.32 12.48 -9.01
C ARG A 79 -12.07 12.62 -9.88
N PHE A 80 -11.86 11.68 -10.80
CA PHE A 80 -10.71 11.77 -11.71
C PHE A 80 -10.81 12.99 -12.62
N GLU A 81 -11.98 13.28 -13.14
CA GLU A 81 -12.10 14.47 -14.00
C GLU A 81 -11.73 15.72 -13.22
N ALA A 82 -12.20 15.83 -11.99
CA ALA A 82 -11.88 16.97 -11.14
C ALA A 82 -10.39 17.05 -10.85
N MET A 83 -9.76 15.92 -10.57
CA MET A 83 -8.33 15.90 -10.29
C MET A 83 -7.51 16.30 -11.51
N ILE A 84 -7.92 15.81 -12.68
CA ILE A 84 -7.20 16.15 -13.91
C ILE A 84 -7.31 17.66 -14.18
N SER A 85 -8.51 18.21 -14.05
CA SER A 85 -8.69 19.66 -14.26
C SER A 85 -7.89 20.48 -13.27
N GLU A 86 -7.92 20.09 -12.00
CA GLU A 86 -7.12 20.75 -11.00
C GLU A 86 -5.63 20.61 -11.31
N GLY A 87 -5.24 19.44 -11.76
CA GLY A 87 -3.84 19.18 -12.11
C GLY A 87 -3.35 20.09 -13.22
N LEU A 88 -4.20 20.30 -14.22
CA LEU A 88 -3.83 21.14 -15.34
C LEU A 88 -3.65 22.58 -14.84
N ALA A 89 -4.52 23.03 -13.96
CA ALA A 89 -4.39 24.37 -13.42
C ALA A 89 -3.11 24.55 -12.59
N ARG A 90 -2.79 23.55 -11.76
CA ARG A 90 -1.59 23.55 -10.94
C ARG A 90 -0.36 23.54 -11.84
N ARG A 91 -0.44 22.76 -12.92
CA ARG A 91 0.68 22.65 -13.84
C ARG A 91 0.93 24.00 -14.50
N ASP A 92 -0.13 24.65 -14.93
CA ASP A 92 0.00 25.93 -15.63
C ASP A 92 0.58 27.00 -14.71
N LYS A 93 0.20 27.00 -13.43
CA LYS A 93 0.82 27.88 -12.45
C LYS A 93 2.33 27.64 -12.35
N LEU A 94 2.75 26.38 -12.30
CA LEU A 94 4.17 26.06 -12.24
C LEU A 94 4.89 26.47 -13.51
N ARG A 95 4.25 26.23 -14.66
CA ARG A 95 4.79 26.63 -15.95
C ARG A 95 5.07 28.13 -15.92
N ASN A 96 4.10 28.93 -15.50
CA ASN A 96 4.30 30.37 -15.55
C ASN A 96 5.42 30.82 -14.61
N ALA A 97 5.54 30.19 -13.45
CA ALA A 97 6.60 30.51 -12.51
C ALA A 97 7.94 30.13 -13.11
N PHE A 98 8.01 28.95 -13.72
CA PHE A 98 9.24 28.48 -14.33
C PHE A 98 9.71 29.42 -15.43
N LEU A 99 8.80 29.81 -16.30
CA LEU A 99 9.17 30.64 -17.45
C LEU A 99 9.83 31.93 -16.97
N ALA A 100 9.29 32.52 -15.90
CA ALA A 100 9.82 33.78 -15.38
C ALA A 100 11.17 33.58 -14.73
N VAL A 101 11.33 32.49 -13.97
CA VAL A 101 12.61 32.22 -13.33
C VAL A 101 13.67 31.88 -14.39
N TYR A 102 13.31 31.06 -15.36
CA TYR A 102 14.22 30.68 -16.43
C TYR A 102 14.74 31.94 -17.15
N LYS A 103 13.82 32.86 -17.46
CA LYS A 103 14.21 34.05 -18.20
C LYS A 103 15.16 34.92 -17.36
N ALA A 104 14.89 35.02 -16.06
CA ALA A 104 15.74 35.80 -15.17
C ALA A 104 17.13 35.20 -15.07
N LYS A 105 17.21 33.86 -15.07
CA LYS A 105 18.50 33.19 -14.87
C LYS A 105 19.30 33.05 -16.15
N ASN A 106 18.63 33.07 -17.29
CA ASN A 106 19.27 32.79 -18.58
C ASN A 106 19.34 33.98 -19.53
N GLY A 107 18.59 35.03 -19.22
CA GLY A 107 18.52 36.20 -20.08
C GLY A 107 17.85 35.99 -21.42
N LYS A 108 16.98 35.00 -21.51
CA LYS A 108 16.24 34.70 -22.72
C LYS A 108 15.03 33.87 -22.35
N ASP A 109 14.03 33.83 -23.23
CA ASP A 109 12.87 32.99 -23.06
C ASP A 109 13.24 31.51 -23.16
N PHE A 110 12.58 30.71 -22.35
CA PHE A 110 12.64 29.26 -22.51
C PHE A 110 12.14 28.91 -23.91
N SER A 111 12.90 28.08 -24.62
CA SER A 111 12.55 27.73 -26.00
C SER A 111 12.61 26.24 -26.34
N GLU A 112 12.99 25.39 -25.39
CA GLU A 112 13.15 23.97 -25.71
C GLU A 112 11.80 23.28 -25.77
N PRO A 113 11.56 22.44 -26.79
CA PRO A 113 10.37 21.63 -26.81
C PRO A 113 10.30 20.71 -25.59
N LEU A 114 9.10 20.54 -25.10
CA LEU A 114 8.85 19.74 -23.91
C LEU A 114 7.93 18.62 -24.30
N PRO A 115 7.95 17.55 -23.52
CA PRO A 115 6.95 16.49 -23.71
C PRO A 115 5.55 17.04 -23.62
N GLU A 116 4.63 16.38 -24.31
CA GLU A 116 3.25 16.80 -24.36
C GLU A 116 2.61 16.89 -22.97
N ALA A 117 3.08 16.06 -22.04
CA ALA A 117 2.56 16.11 -20.67
C ALA A 117 2.65 17.50 -20.08
N ALA A 118 3.65 18.26 -20.53
CA ALA A 118 3.90 19.60 -20.00
C ALA A 118 3.03 20.68 -20.64
N THR A 119 2.41 20.38 -21.78
CA THR A 119 1.74 21.42 -22.57
C THR A 119 0.28 21.17 -22.96
N TRP A 120 -0.09 19.92 -23.14
CA TRP A 120 -1.46 19.60 -23.54
C TRP A 120 -2.46 20.16 -22.55
N THR A 121 -3.54 20.72 -23.06
CA THR A 121 -4.65 21.06 -22.20
C THR A 121 -5.97 20.85 -22.94
N GLY A 122 -7.01 20.72 -22.13
CA GLY A 122 -8.36 20.59 -22.62
C GLY A 122 -9.36 20.67 -21.49
N ASP A 123 -10.62 20.86 -21.83
CA ASP A 123 -11.68 20.79 -20.85
C ASP A 123 -12.09 19.33 -20.67
N SER A 124 -12.99 19.09 -19.73
CA SER A 124 -13.31 17.72 -19.33
C SER A 124 -13.90 16.89 -20.45
N THR A 125 -14.55 17.53 -21.42
CA THR A 125 -15.10 16.78 -22.56
C THR A 125 -14.02 16.26 -23.53
N ALA A 126 -12.80 16.81 -23.44
CA ALA A 126 -11.66 16.35 -24.23
C ALA A 126 -10.90 15.19 -23.57
N PHE A 127 -11.19 14.90 -22.30
CA PHE A 127 -10.37 13.95 -21.53
C PHE A 127 -10.44 12.54 -22.07
N ALA A 128 -11.63 12.05 -22.38
CA ALA A 128 -11.81 10.65 -22.74
C ALA A 128 -11.01 10.29 -23.99
N GLU A 129 -11.07 11.15 -24.99
CA GLU A 129 -10.33 10.88 -26.23
C GLU A 129 -8.83 11.01 -26.04
N LYS A 130 -8.38 12.06 -25.37
CA LYS A 130 -6.93 12.22 -25.14
C LYS A 130 -6.35 11.06 -24.32
N ALA A 131 -7.11 10.62 -23.33
CA ALA A 131 -6.64 9.60 -22.40
C ALA A 131 -6.21 8.33 -23.11
N LYS A 132 -6.86 8.02 -24.23
CA LYS A 132 -6.58 6.79 -24.96
C LYS A 132 -5.16 6.67 -25.47
N SER A 133 -4.51 7.80 -25.71
CA SER A 133 -3.19 7.83 -26.34
C SER A 133 -2.03 8.17 -25.41
N VAL A 134 -2.31 8.39 -24.13
CA VAL A 134 -1.27 8.79 -23.18
C VAL A 134 -0.98 7.76 -22.10
N GLY A 135 -1.40 6.54 -22.33
CA GLY A 135 -1.21 5.47 -21.37
C GLY A 135 0.08 4.67 -21.59
N ILE A 136 0.09 3.50 -20.97
CA ILE A 136 1.28 2.68 -20.87
C ILE A 136 1.85 2.30 -22.24
N LEU A 137 0.98 2.02 -23.19
CA LEU A 137 1.42 1.56 -24.50
C LEU A 137 2.02 2.68 -25.35
N ALA A 138 1.98 3.93 -24.88
CA ALA A 138 2.68 5.02 -25.57
C ALA A 138 4.18 4.83 -25.54
N THR A 139 4.69 4.07 -24.57
CA THR A 139 6.10 3.67 -24.56
C THR A 139 6.21 2.40 -25.37
N GLU A 140 6.95 2.47 -26.47
CA GLU A 140 6.98 1.36 -27.39
C GLU A 140 7.95 0.23 -26.98
N ASN A 141 9.14 0.58 -26.53
CA ASN A 141 10.13 -0.44 -26.21
C ASN A 141 9.79 -1.13 -24.89
N GLU A 142 9.80 -2.47 -24.85
CA GLU A 142 9.25 -3.18 -23.68
C GLU A 142 10.14 -3.02 -22.44
N ASP A 143 11.43 -2.80 -22.63
CA ASP A 143 12.33 -2.61 -21.48
C ASP A 143 12.17 -1.20 -20.89
N VAL A 144 12.07 -0.19 -21.74
CA VAL A 144 11.79 1.17 -21.29
C VAL A 144 10.42 1.19 -20.60
N ARG A 145 9.44 0.53 -21.21
CA ARG A 145 8.11 0.46 -20.60
C ARG A 145 8.16 -0.20 -19.24
N SER A 146 8.86 -1.32 -19.15
CA SER A 146 8.95 -2.08 -17.92
C SER A 146 9.61 -1.26 -16.81
N LEU A 147 10.72 -0.62 -17.12
CA LEU A 147 11.42 0.17 -16.09
C LEU A 147 10.70 1.46 -15.70
N ARG A 148 10.05 2.12 -16.65
CA ARG A 148 9.25 3.29 -16.32
C ARG A 148 8.05 2.90 -15.49
N GLU A 149 7.41 1.80 -15.84
CA GLU A 149 6.17 1.45 -15.13
C GLU A 149 6.49 0.82 -13.77
N LEU A 150 7.57 0.05 -13.68
CA LEU A 150 8.06 -0.42 -12.37
C LEU A 150 8.32 0.75 -11.42
N LEU A 151 8.92 1.81 -11.95
CA LEU A 151 9.23 2.98 -11.17
C LEU A 151 7.94 3.65 -10.68
N ILE A 152 6.99 3.86 -11.58
CA ILE A 152 5.73 4.56 -11.22
C ILE A 152 4.90 3.69 -10.29
N ILE A 153 4.90 2.40 -10.50
CA ILE A 153 4.15 1.48 -9.65
C ILE A 153 4.72 1.51 -8.22
N GLY A 154 6.04 1.39 -8.09
CA GLY A 154 6.70 1.52 -6.80
C GLY A 154 6.44 2.89 -6.20
N LEU A 155 6.48 3.92 -7.04
CA LEU A 155 6.28 5.31 -6.60
C LEU A 155 4.88 5.52 -6.00
N LYS A 156 3.87 4.91 -6.59
CA LYS A 156 2.50 5.03 -6.08
C LYS A 156 2.40 4.45 -4.69
N GLY A 157 3.04 3.31 -4.49
CA GLY A 157 3.07 2.67 -3.20
C GLY A 157 3.72 3.59 -2.17
N VAL A 158 4.86 4.17 -2.52
CA VAL A 158 5.56 5.11 -1.67
C VAL A 158 4.65 6.31 -1.37
N ALA A 159 3.92 6.78 -2.39
CA ALA A 159 3.05 7.94 -2.23
C ALA A 159 1.96 7.66 -1.22
N ALA A 160 1.41 6.45 -1.21
CA ALA A 160 0.37 6.10 -0.28
C ALA A 160 0.91 6.23 1.14
N TYR A 161 2.07 5.65 1.41
CA TYR A 161 2.64 5.73 2.74
C TYR A 161 2.96 7.17 3.12
N ALA A 162 3.48 7.94 2.18
CA ALA A 162 3.80 9.33 2.41
C ALA A 162 2.54 10.14 2.72
N GLU A 163 1.42 9.79 2.08
CA GLU A 163 0.16 10.48 2.35
C GLU A 163 -0.26 10.25 3.78
N HIS A 164 -0.18 9.01 4.26
CA HIS A 164 -0.57 8.75 5.66
C HIS A 164 0.33 9.48 6.62
N ALA A 165 1.61 9.52 6.33
CA ALA A 165 2.54 10.26 7.18
C ALA A 165 2.18 11.74 7.20
N ALA A 166 1.87 12.31 6.03
CA ALA A 166 1.51 13.73 5.88
C ALA A 166 0.22 14.06 6.64
N VAL A 167 -0.74 13.15 6.60
CA VAL A 167 -1.98 13.29 7.36
C VAL A 167 -1.66 13.51 8.84
N LEU A 168 -0.63 12.80 9.34
CA LEU A 168 -0.22 12.84 10.74
C LEU A 168 0.77 13.96 11.06
N GLY A 169 1.13 14.75 10.05
CA GLY A 169 2.04 15.88 10.23
C GLY A 169 3.50 15.64 9.97
N PHE A 170 3.82 14.52 9.32
CA PHE A 170 5.19 14.09 9.08
C PHE A 170 5.49 14.12 7.60
N ARG A 171 6.49 14.89 7.22
CA ARG A 171 6.88 15.08 5.83
C ARG A 171 8.40 15.20 5.77
N LYS A 172 8.94 14.79 4.63
CA LYS A 172 10.33 15.04 4.30
C LYS A 172 10.42 15.55 2.87
N THR A 173 11.15 16.64 2.68
CA THR A 173 11.26 17.26 1.37
C THR A 173 11.79 16.31 0.32
N GLU A 174 12.70 15.43 0.70
CA GLU A 174 13.31 14.49 -0.24
C GLU A 174 12.27 13.58 -0.88
N ILE A 175 11.23 13.21 -0.11
CA ILE A 175 10.19 12.34 -0.64
C ILE A 175 9.42 13.07 -1.74
N ASP A 176 8.95 14.28 -1.46
CA ASP A 176 8.16 15.01 -2.44
C ASP A 176 8.99 15.44 -3.65
N GLU A 177 10.26 15.75 -3.43
CA GLU A 177 11.17 16.01 -4.55
C GLU A 177 11.34 14.76 -5.42
N PHE A 178 11.46 13.59 -4.81
CA PHE A 178 11.67 12.38 -5.58
C PHE A 178 10.43 12.02 -6.37
N MET A 179 9.24 12.34 -5.87
CA MET A 179 8.02 12.10 -6.63
C MET A 179 8.14 12.76 -8.00
N LEU A 180 8.60 14.00 -8.04
CA LEU A 180 8.71 14.73 -9.30
C LEU A 180 9.89 14.26 -10.12
N GLU A 181 11.01 13.98 -9.47
CA GLU A 181 12.15 13.40 -10.21
C GLU A 181 11.73 12.11 -10.95
N ALA A 182 11.08 11.21 -10.23
CA ALA A 182 10.67 9.94 -10.79
C ALA A 182 9.66 10.13 -11.92
N LEU A 183 8.62 10.91 -11.66
CA LEU A 183 7.61 11.13 -12.67
C LEU A 183 8.21 11.78 -13.93
N ALA A 184 9.04 12.79 -13.72
CA ALA A 184 9.61 13.50 -14.88
C ALA A 184 10.51 12.59 -15.67
N SER A 185 11.18 11.66 -14.99
CA SER A 185 12.15 10.76 -15.65
C SER A 185 11.48 9.93 -16.71
N THR A 186 10.18 9.65 -16.54
CA THR A 186 9.47 8.78 -17.47
C THR A 186 9.08 9.49 -18.77
N THR A 187 9.42 10.76 -18.88
CA THR A 187 9.29 11.50 -20.14
C THR A 187 10.63 11.66 -20.85
N LYS A 188 11.70 11.16 -20.24
CA LYS A 188 13.08 11.31 -20.72
C LYS A 188 13.62 10.02 -21.32
N ASP A 189 14.57 10.17 -22.25
CA ASP A 189 15.25 9.06 -22.91
C ASP A 189 16.52 8.74 -22.12
N LEU A 190 16.40 7.76 -21.24
CA LEU A 190 17.45 7.37 -20.33
C LEU A 190 17.98 5.98 -20.65
N SER A 191 19.23 5.77 -20.28
CA SER A 191 19.84 4.46 -20.44
C SER A 191 19.22 3.47 -19.45
N VAL A 192 19.41 2.19 -19.69
CA VAL A 192 18.93 1.14 -18.81
C VAL A 192 19.57 1.31 -17.43
N ASP A 193 20.86 1.59 -17.38
CA ASP A 193 21.52 1.83 -16.11
C ASP A 193 20.86 2.97 -15.33
N GLU A 194 20.55 4.08 -16.00
CA GLU A 194 19.90 5.24 -15.38
C GLU A 194 18.50 4.84 -14.88
N MET A 195 17.76 4.11 -15.70
CA MET A 195 16.41 3.71 -15.34
C MET A 195 16.42 2.74 -14.16
N VAL A 196 17.36 1.81 -14.13
CA VAL A 196 17.45 0.86 -13.02
C VAL A 196 17.86 1.60 -11.74
N ALA A 197 18.78 2.56 -11.85
CA ALA A 197 19.22 3.33 -10.67
C ALA A 197 18.06 4.09 -10.07
N LEU A 198 17.18 4.61 -10.91
CA LEU A 198 15.97 5.30 -10.42
C LEU A 198 15.05 4.35 -9.65
N VAL A 199 14.90 3.12 -10.13
CA VAL A 199 14.11 2.13 -9.40
C VAL A 199 14.77 1.84 -8.05
N MET A 200 16.09 1.75 -8.02
CA MET A 200 16.77 1.47 -6.76
C MET A 200 16.64 2.66 -5.80
N LYS A 201 16.72 3.86 -6.33
CA LYS A 201 16.54 5.06 -5.54
C LYS A 201 15.10 5.06 -4.98
N ALA A 202 14.13 4.60 -5.77
CA ALA A 202 12.75 4.51 -5.28
C ALA A 202 12.68 3.54 -4.10
N GLY A 203 13.39 2.41 -4.18
CA GLY A 203 13.47 1.51 -3.04
C GLY A 203 14.04 2.19 -1.80
N GLY A 204 15.07 2.98 -1.98
CA GLY A 204 15.62 3.74 -0.87
C GLY A 204 14.63 4.77 -0.30
N MET A 205 13.86 5.37 -1.18
CA MET A 205 12.83 6.31 -0.74
C MET A 205 11.67 5.57 -0.08
N ALA A 206 11.42 4.32 -0.47
CA ALA A 206 10.43 3.51 0.21
C ALA A 206 10.92 3.25 1.63
N VAL A 207 12.21 3.02 1.82
CA VAL A 207 12.74 2.89 3.18
C VAL A 207 12.50 4.18 3.97
N THR A 208 12.88 5.31 3.40
CA THR A 208 12.70 6.59 4.04
C THR A 208 11.24 6.79 4.45
N THR A 209 10.33 6.50 3.52
CA THR A 209 8.92 6.81 3.72
C THR A 209 8.27 5.84 4.72
N MET A 210 8.63 4.58 4.62
CA MET A 210 8.13 3.59 5.56
C MET A 210 8.64 3.93 6.94
N ALA A 211 9.89 4.36 7.06
CA ALA A 211 10.41 4.79 8.37
C ALA A 211 9.63 5.99 8.90
N LEU A 212 9.31 6.93 8.02
CA LEU A 212 8.57 8.12 8.39
C LEU A 212 7.18 7.76 8.87
N LEU A 213 6.51 6.84 8.17
CA LEU A 213 5.16 6.45 8.55
C LEU A 213 5.16 5.69 9.87
N ASP A 214 6.16 4.84 10.05
CA ASP A 214 6.33 4.14 11.33
C ASP A 214 6.50 5.15 12.46
N GLU A 215 7.32 6.17 12.22
CA GLU A 215 7.50 7.25 13.20
C GLU A 215 6.16 7.94 13.47
N ALA A 216 5.43 8.25 12.40
CA ALA A 216 4.17 8.99 12.53
C ALA A 216 3.14 8.17 13.33
N ASN A 217 2.96 6.92 12.94
CA ASN A 217 1.94 6.10 13.58
C ASN A 217 2.31 5.86 15.05
N THR A 218 3.56 5.56 15.35
CA THR A 218 3.94 5.20 16.73
C THR A 218 4.06 6.45 17.63
N THR A 219 4.52 7.56 17.09
CA THR A 219 4.58 8.81 17.85
C THR A 219 3.19 9.23 18.25
N THR A 220 2.24 9.07 17.34
CA THR A 220 0.89 9.54 17.58
C THR A 220 0.06 8.58 18.44
N TYR A 221 0.17 7.26 18.18
CA TYR A 221 -0.75 6.28 18.76
C TYR A 221 -0.08 5.25 19.67
N GLY A 222 1.24 5.38 19.89
CA GLY A 222 2.01 4.44 20.67
C GLY A 222 2.63 3.32 19.86
N ASN A 223 3.56 2.61 20.47
CA ASN A 223 4.07 1.39 19.87
C ASN A 223 3.05 0.26 19.96
N PRO A 224 2.86 -0.47 18.86
CA PRO A 224 2.04 -1.67 18.93
C PRO A 224 2.54 -2.59 20.03
N GLU A 225 1.59 -3.25 20.65
CA GLU A 225 1.87 -4.16 21.75
C GLU A 225 1.04 -5.42 21.58
N ILE A 226 1.43 -6.47 22.29
CA ILE A 226 0.79 -7.76 22.16
C ILE A 226 -0.68 -7.63 22.56
N THR A 227 -1.55 -8.05 21.65
CA THR A 227 -2.97 -7.89 21.78
C THR A 227 -3.70 -9.12 21.29
N GLN A 228 -4.71 -9.53 22.05
CA GLN A 228 -5.65 -10.54 21.63
C GLN A 228 -6.93 -9.85 21.14
N VAL A 229 -7.21 -10.04 19.86
CA VAL A 229 -8.30 -9.35 19.20
C VAL A 229 -9.48 -10.31 18.98
N ASN A 230 -10.65 -9.89 19.46
CA ASN A 230 -11.88 -10.65 19.29
C ASN A 230 -12.30 -10.57 17.85
N ILE A 231 -12.69 -11.70 17.26
CA ILE A 231 -13.23 -11.72 15.89
C ILE A 231 -14.70 -12.12 15.86
N GLY A 232 -15.30 -12.29 17.03
CA GLY A 232 -16.75 -12.40 17.13
C GLY A 232 -17.41 -11.05 17.22
N VAL A 233 -18.70 -11.03 17.49
CA VAL A 233 -19.48 -9.80 17.46
C VAL A 233 -20.22 -9.54 18.78
N GLY A 234 -20.63 -8.30 18.94
CA GLY A 234 -21.52 -7.88 20.01
C GLY A 234 -22.92 -7.64 19.48
N LYS A 235 -23.76 -7.04 20.33
CA LYS A 235 -25.17 -6.85 20.02
C LYS A 235 -25.56 -5.39 19.81
N ASN A 236 -24.57 -4.52 19.73
CA ASN A 236 -24.83 -3.14 19.34
C ASN A 236 -24.64 -2.96 17.84
N PRO A 237 -25.30 -1.97 17.24
CA PRO A 237 -24.99 -1.61 15.86
C PRO A 237 -23.55 -1.16 15.84
N GLY A 238 -22.90 -1.33 14.71
CA GLY A 238 -21.50 -0.98 14.57
C GLY A 238 -21.18 -0.25 13.28
N ILE A 239 -19.99 0.33 13.26
CA ILE A 239 -19.40 0.91 12.08
C ILE A 239 -18.11 0.09 11.85
N LEU A 240 -17.92 -0.31 10.60
CA LEU A 240 -16.80 -1.10 10.17
C LEU A 240 -15.84 -0.19 9.44
N ILE A 241 -14.61 -0.06 9.92
CA ILE A 241 -13.60 0.76 9.25
C ILE A 241 -12.55 -0.12 8.59
N SER A 242 -12.26 0.15 7.33
CA SER A 242 -11.36 -0.63 6.50
C SER A 242 -10.32 0.29 5.88
N GLY A 243 -9.32 -0.31 5.23
CA GLY A 243 -8.22 0.44 4.66
C GLY A 243 -7.08 0.53 5.64
N HIS A 244 -6.39 1.67 5.69
CA HIS A 244 -5.16 1.82 6.47
C HIS A 244 -5.04 3.05 7.37
N ASP A 245 -5.89 4.07 7.21
CA ASP A 245 -5.59 5.36 7.81
C ASP A 245 -5.94 5.42 9.30
N LEU A 246 -4.91 5.54 10.13
CA LEU A 246 -5.10 5.54 11.56
C LEU A 246 -5.64 6.85 12.14
N LYS A 247 -5.44 7.98 11.46
CA LYS A 247 -6.05 9.21 11.96
C LYS A 247 -7.56 9.16 11.80
N ASP A 248 -8.04 8.60 10.70
CA ASP A 248 -9.47 8.43 10.54
C ASP A 248 -10.01 7.56 11.68
N MET A 249 -9.27 6.53 12.03
CA MET A 249 -9.64 5.65 13.14
C MET A 249 -9.72 6.43 14.46
N ALA A 250 -8.71 7.25 14.74
CA ALA A 250 -8.68 8.04 15.95
C ALA A 250 -9.92 8.90 16.06
N GLU A 251 -10.27 9.56 14.96
CA GLU A 251 -11.41 10.44 14.95
C GLU A 251 -12.72 9.66 15.03
N LEU A 252 -12.82 8.52 14.35
CA LEU A 252 -14.04 7.71 14.42
C LEU A 252 -14.27 7.22 15.85
N LEU A 253 -13.23 6.80 16.52
CA LEU A 253 -13.35 6.32 17.91
C LEU A 253 -13.81 7.43 18.84
N LYS A 254 -13.22 8.62 18.69
CA LYS A 254 -13.60 9.77 19.54
C LYS A 254 -15.06 10.12 19.34
N GLN A 255 -15.49 10.08 18.09
CA GLN A 255 -16.84 10.54 17.74
C GLN A 255 -17.90 9.50 18.07
N THR A 256 -17.52 8.23 18.16
CA THR A 256 -18.47 7.17 18.50
C THR A 256 -18.52 6.88 19.99
N GLU A 257 -17.56 7.38 20.75
CA GLU A 257 -17.55 7.11 22.18
C GLU A 257 -18.87 7.59 22.79
N GLY A 258 -19.52 6.70 23.52
CA GLY A 258 -20.70 7.06 24.30
C GLY A 258 -21.98 7.15 23.48
N THR A 259 -21.94 6.66 22.25
CA THR A 259 -23.09 6.79 21.36
C THR A 259 -23.93 5.53 21.29
N GLY A 260 -23.41 4.41 21.81
CA GLY A 260 -24.05 3.12 21.66
C GLY A 260 -23.73 2.42 20.35
N VAL A 261 -22.84 3.01 19.55
CA VAL A 261 -22.40 2.41 18.29
C VAL A 261 -20.98 1.89 18.55
N ASP A 262 -20.77 0.60 18.29
CA ASP A 262 -19.46 -0.02 18.41
C ASP A 262 -18.64 0.23 17.16
N VAL A 263 -17.33 0.11 17.31
CA VAL A 263 -16.42 0.20 16.16
C VAL A 263 -15.72 -1.14 15.98
N TYR A 264 -15.69 -1.58 14.75
CA TYR A 264 -14.96 -2.78 14.33
C TYR A 264 -13.99 -2.40 13.23
N THR A 265 -12.86 -3.09 13.20
CA THR A 265 -11.94 -2.99 12.09
C THR A 265 -12.14 -4.11 11.09
N HIS A 266 -11.64 -3.85 9.89
CA HIS A 266 -11.61 -4.78 8.78
C HIS A 266 -10.30 -4.69 8.01
N GLY A 267 -9.80 -5.83 7.57
CA GLY A 267 -8.72 -5.87 6.60
C GLY A 267 -7.44 -5.29 7.17
N GLU A 268 -6.92 -4.25 6.50
CA GLU A 268 -5.70 -3.62 6.96
C GLU A 268 -5.91 -2.65 8.11
N MET A 269 -7.14 -2.52 8.64
CA MET A 269 -7.34 -1.81 9.91
C MET A 269 -7.20 -2.71 11.14
N LEU A 270 -7.07 -4.02 10.93
CA LEU A 270 -6.81 -4.92 12.05
C LEU A 270 -5.71 -4.41 13.00
N PRO A 271 -4.58 -3.93 12.50
CA PRO A 271 -3.53 -3.47 13.41
C PRO A 271 -3.87 -2.26 14.27
N ALA A 272 -4.95 -1.54 14.01
CA ALA A 272 -5.36 -0.50 14.93
C ALA A 272 -5.65 -1.07 16.31
N ASN A 273 -6.05 -2.35 16.35
CA ASN A 273 -6.27 -3.06 17.62
C ASN A 273 -5.03 -3.14 18.50
N TYR A 274 -3.84 -2.97 17.91
CA TYR A 274 -2.57 -3.16 18.60
C TYR A 274 -2.03 -1.92 19.25
N TYR A 275 -2.61 -0.76 18.95
CA TYR A 275 -2.05 0.51 19.40
C TYR A 275 -2.67 0.95 20.72
N PRO A 276 -1.86 1.32 21.70
CA PRO A 276 -2.40 1.68 23.01
C PRO A 276 -3.40 2.84 22.97
N ALA A 277 -3.21 3.80 22.07
CA ALA A 277 -4.15 4.90 21.94
C ALA A 277 -5.57 4.46 21.64
N PHE A 278 -5.70 3.33 20.94
CA PHE A 278 -7.02 2.85 20.55
C PHE A 278 -7.58 1.78 21.49
N LYS A 279 -6.68 1.04 22.14
CA LYS A 279 -7.08 -0.06 23.04
C LYS A 279 -7.84 0.47 24.27
N LYS A 280 -7.68 1.75 24.55
CA LYS A 280 -8.36 2.41 25.65
C LYS A 280 -9.87 2.60 25.48
N TYR A 281 -10.41 2.39 24.28
CA TYR A 281 -11.83 2.62 24.05
C TYR A 281 -12.61 1.31 24.21
N PRO A 282 -13.54 1.21 25.17
CA PRO A 282 -14.26 -0.05 25.37
C PRO A 282 -15.23 -0.44 24.26
N HIS A 283 -15.66 0.52 23.45
CA HIS A 283 -16.61 0.23 22.36
C HIS A 283 -15.93 -0.18 21.06
N PHE A 284 -14.60 -0.28 21.10
CA PHE A 284 -13.79 -0.83 19.98
C PHE A 284 -13.74 -2.33 20.23
N VAL A 285 -14.60 -3.06 19.52
CA VAL A 285 -14.93 -4.47 19.79
C VAL A 285 -13.86 -5.44 19.30
N GLY A 286 -13.35 -5.20 18.09
CA GLY A 286 -12.42 -6.12 17.48
C GLY A 286 -12.45 -6.03 15.97
N ASN A 287 -12.13 -7.13 15.30
CA ASN A 287 -11.97 -7.18 13.84
C ASN A 287 -12.98 -8.14 13.22
N TYR A 288 -13.62 -7.71 12.13
CA TYR A 288 -14.68 -8.44 11.49
C TYR A 288 -14.22 -8.93 10.12
N GLY A 289 -14.28 -10.24 9.91
CA GLY A 289 -14.09 -10.83 8.61
C GLY A 289 -12.64 -11.12 8.28
N GLY A 290 -12.35 -11.11 6.98
CA GLY A 290 -11.03 -11.44 6.46
C GLY A 290 -10.45 -10.32 5.62
N SER A 291 -9.65 -10.69 4.63
CA SER A 291 -9.04 -9.68 3.78
C SER A 291 -10.01 -9.12 2.74
N TRP A 292 -9.51 -8.11 2.03
CA TRP A 292 -10.30 -7.31 1.15
C TRP A 292 -11.15 -8.07 0.15
N TRP A 293 -10.64 -9.19 -0.37
CA TRP A 293 -11.32 -9.80 -1.52
C TRP A 293 -12.61 -10.51 -1.10
N GLN A 294 -12.78 -10.73 0.21
CA GLN A 294 -14.01 -11.32 0.74
C GLN A 294 -15.05 -10.28 1.16
N GLN A 295 -14.86 -9.02 0.79
CA GLN A 295 -15.66 -7.98 1.39
C GLN A 295 -17.12 -7.90 0.94
N ASN A 296 -17.46 -8.42 -0.23
CA ASN A 296 -18.86 -8.32 -0.66
C ASN A 296 -19.81 -9.00 0.35
N PRO A 297 -19.63 -10.28 0.65
CA PRO A 297 -20.48 -10.90 1.67
C PRO A 297 -20.29 -10.36 3.08
N GLU A 298 -19.07 -9.94 3.39
CA GLU A 298 -18.76 -9.50 4.74
C GLU A 298 -19.27 -8.10 5.06
N PHE A 299 -19.12 -7.18 4.13
CA PHE A 299 -19.71 -5.86 4.27
C PHE A 299 -21.21 -5.99 4.33
N GLU A 300 -21.76 -6.90 3.55
CA GLU A 300 -23.20 -7.15 3.59
C GLU A 300 -23.66 -7.61 4.98
N SER A 301 -23.03 -8.65 5.50
CA SER A 301 -23.43 -9.26 6.77
C SER A 301 -23.07 -8.42 7.98
N PHE A 302 -22.18 -7.45 7.83
CA PHE A 302 -21.86 -6.55 8.91
C PHE A 302 -23.06 -5.71 9.36
N ASN A 303 -23.95 -5.42 8.42
CA ASN A 303 -25.21 -4.69 8.63
C ASN A 303 -25.11 -3.18 8.90
N GLY A 304 -24.03 -2.72 9.51
CA GLY A 304 -23.84 -1.31 9.76
C GLY A 304 -23.02 -0.61 8.68
N PRO A 305 -22.83 0.69 8.84
CA PRO A 305 -22.01 1.43 7.87
C PRO A 305 -20.60 0.89 7.74
N ILE A 306 -20.05 1.03 6.54
CA ILE A 306 -18.68 0.65 6.24
C ILE A 306 -17.98 1.92 5.76
N LEU A 307 -16.82 2.20 6.34
CA LEU A 307 -15.97 3.32 6.00
C LEU A 307 -14.66 2.84 5.38
N LEU A 308 -14.41 3.20 4.13
CA LEU A 308 -13.20 2.81 3.44
C LEU A 308 -12.26 4.00 3.47
N THR A 309 -11.13 3.87 4.17
CA THR A 309 -10.17 4.96 4.32
C THR A 309 -9.13 4.99 3.22
N THR A 310 -8.92 3.83 2.60
CA THR A 310 -8.01 3.64 1.49
C THR A 310 -8.51 2.46 0.66
N ASN A 311 -7.70 2.03 -0.31
CA ASN A 311 -7.90 0.72 -0.93
C ASN A 311 -7.77 -0.37 0.14
N CYS A 312 -8.30 -1.57 -0.08
CA CYS A 312 -9.01 -1.99 -1.29
C CYS A 312 -10.54 -1.97 -1.10
N LEU A 313 -11.20 -1.22 -1.97
CA LEU A 313 -12.64 -1.25 -2.13
C LEU A 313 -12.93 -1.90 -3.45
N VAL A 314 -13.81 -2.91 -3.47
CA VAL A 314 -14.16 -3.60 -4.69
C VAL A 314 -15.57 -3.25 -5.13
N PRO A 315 -15.87 -3.39 -6.42
CA PRO A 315 -17.24 -3.14 -6.87
C PRO A 315 -18.25 -4.02 -6.15
N LEU A 316 -19.41 -3.45 -5.86
CA LEU A 316 -20.52 -4.22 -5.32
C LEU A 316 -21.02 -5.22 -6.32
N LYS A 317 -21.37 -6.39 -5.81
CA LYS A 317 -22.14 -7.34 -6.58
C LYS A 317 -23.56 -6.82 -6.71
N LYS A 318 -24.28 -7.24 -7.74
CA LYS A 318 -25.60 -6.72 -7.98
C LYS A 318 -26.58 -7.08 -6.86
N GLU A 319 -26.35 -8.19 -6.18
CA GLU A 319 -27.18 -8.62 -5.06
C GLU A 319 -26.84 -7.93 -3.73
N ASN A 320 -25.74 -7.19 -3.70
CA ASN A 320 -25.37 -6.48 -2.46
C ASN A 320 -26.28 -5.29 -2.22
N THR A 321 -26.61 -5.02 -0.96
CA THR A 321 -27.50 -3.94 -0.58
C THR A 321 -26.87 -2.85 0.26
N TYR A 322 -25.54 -2.88 0.39
CA TYR A 322 -24.88 -1.97 1.31
C TYR A 322 -24.42 -0.63 0.72
N LEU A 323 -24.72 -0.33 -0.53
CA LEU A 323 -24.31 0.95 -1.10
C LEU A 323 -24.78 2.14 -0.29
N ASP A 324 -26.02 2.07 0.23
CA ASP A 324 -26.60 3.18 0.97
C ASP A 324 -25.94 3.41 2.33
N ARG A 325 -25.09 2.49 2.75
CA ARG A 325 -24.34 2.60 4.00
C ARG A 325 -22.84 2.45 3.79
N LEU A 326 -22.40 2.66 2.56
CA LEU A 326 -20.99 2.64 2.20
C LEU A 326 -20.45 4.06 2.14
N TYR A 327 -19.42 4.33 2.92
CA TYR A 327 -18.79 5.65 3.00
C TYR A 327 -17.36 5.55 2.54
N THR A 328 -16.96 6.49 1.71
CA THR A 328 -15.56 6.59 1.31
C THR A 328 -14.97 7.83 1.95
N THR A 329 -13.66 7.86 2.07
CA THR A 329 -12.97 9.05 2.54
C THR A 329 -11.53 9.05 1.97
N GLY A 330 -10.82 10.15 2.13
CA GLY A 330 -9.45 10.25 1.60
C GLY A 330 -9.46 10.15 0.09
N VAL A 331 -8.56 9.32 -0.44
CA VAL A 331 -8.45 9.17 -1.89
C VAL A 331 -9.46 8.20 -2.46
N VAL A 332 -10.24 7.54 -1.61
CA VAL A 332 -11.21 6.56 -2.05
C VAL A 332 -12.44 7.25 -2.63
N GLY A 333 -13.01 6.67 -3.68
CA GLY A 333 -14.25 7.15 -4.24
C GLY A 333 -15.00 6.04 -4.91
N TYR A 334 -16.32 6.16 -4.91
CA TYR A 334 -17.20 5.17 -5.52
C TYR A 334 -18.52 5.84 -5.84
N GLU A 335 -18.96 5.71 -7.07
CA GLU A 335 -20.18 6.32 -7.54
C GLU A 335 -21.39 5.82 -6.73
N GLY A 336 -22.13 6.75 -6.14
CA GLY A 336 -23.29 6.43 -5.34
C GLY A 336 -23.02 6.20 -3.86
N ALA A 337 -21.75 6.18 -3.47
CA ALA A 337 -21.38 6.08 -2.06
C ALA A 337 -21.39 7.48 -1.45
N LYS A 338 -21.36 7.59 -0.16
CA LYS A 338 -21.24 8.89 0.48
C LYS A 338 -19.79 9.13 0.83
N HIS A 339 -19.27 10.28 0.45
CA HIS A 339 -17.88 10.62 0.70
C HIS A 339 -17.75 11.59 1.84
N ILE A 340 -16.83 11.29 2.75
CA ILE A 340 -16.55 12.12 3.89
C ILE A 340 -15.37 13.00 3.52
N ALA A 341 -15.65 14.30 3.49
CA ALA A 341 -14.71 15.29 3.03
C ALA A 341 -13.44 15.34 3.88
N ASP A 342 -12.35 15.83 3.27
CA ASP A 342 -11.08 16.01 3.96
C ASP A 342 -11.24 16.87 5.19
N ARG A 343 -10.48 16.58 6.24
CA ARG A 343 -10.49 17.45 7.40
C ARG A 343 -9.83 18.77 7.05
N PRO A 344 -10.34 19.85 7.65
CA PRO A 344 -9.65 21.13 7.50
C PRO A 344 -8.42 21.15 8.32
N ALA A 345 -7.54 22.08 8.01
CA ALA A 345 -6.34 22.27 8.79
C ALA A 345 -6.70 22.54 10.24
N GLY A 346 -6.12 21.74 11.13
CA GLY A 346 -6.37 21.84 12.55
C GLY A 346 -7.69 21.30 13.03
N GLY A 347 -8.42 20.61 12.16
CA GLY A 347 -9.72 20.08 12.50
C GLY A 347 -9.84 18.59 12.31
N ALA A 348 -11.07 18.13 12.16
CA ALA A 348 -11.35 16.70 12.11
C ALA A 348 -12.42 16.43 11.08
N LYS A 349 -12.40 15.22 10.54
CA LYS A 349 -13.48 14.77 9.69
C LYS A 349 -14.75 14.66 10.50
N ASP A 350 -15.89 14.71 9.82
CA ASP A 350 -17.19 14.62 10.44
C ASP A 350 -17.84 13.29 10.09
N PHE A 351 -17.86 12.40 11.07
CA PHE A 351 -18.44 11.06 10.91
C PHE A 351 -19.85 10.96 11.47
N SER A 352 -20.46 12.09 11.79
CA SER A 352 -21.77 12.08 12.46
C SER A 352 -22.84 11.35 11.65
N ALA A 353 -22.77 11.42 10.32
CA ALA A 353 -23.77 10.72 9.48
C ALA A 353 -23.69 9.21 9.57
N LEU A 354 -22.48 8.67 9.74
CA LEU A 354 -22.31 7.22 9.93
C LEU A 354 -22.91 6.80 11.23
N ILE A 355 -22.71 7.61 12.26
CA ILE A 355 -23.18 7.29 13.58
C ILE A 355 -24.71 7.27 13.57
N ALA A 356 -25.29 8.28 12.97
CA ALA A 356 -26.75 8.39 12.90
C ALA A 356 -27.34 7.20 12.14
N GLN A 357 -26.72 6.84 11.02
CA GLN A 357 -27.19 5.71 10.26
C GLN A 357 -26.99 4.39 10.99
N ALA A 358 -25.86 4.20 11.67
CA ALA A 358 -25.61 2.97 12.40
C ALA A 358 -26.68 2.69 13.44
N LYS A 359 -27.19 3.75 14.07
CA LYS A 359 -28.25 3.57 15.08
C LYS A 359 -29.52 2.96 14.52
N LYS A 360 -29.72 3.10 13.21
CA LYS A 360 -30.85 2.49 12.50
C LYS A 360 -30.59 1.08 11.93
N CYS A 361 -29.37 0.57 12.08
CA CYS A 361 -28.98 -0.74 11.56
C CYS A 361 -29.03 -1.83 12.63
N PRO A 362 -29.25 -3.07 12.21
CA PRO A 362 -29.11 -4.21 13.14
C PRO A 362 -27.66 -4.41 13.47
N PRO A 363 -27.34 -5.18 14.51
CA PRO A 363 -25.96 -5.51 14.81
C PRO A 363 -25.40 -6.50 13.78
N PRO A 364 -24.10 -6.67 13.77
CA PRO A 364 -23.48 -7.56 12.79
C PRO A 364 -23.86 -9.03 12.94
N VAL A 365 -23.92 -9.73 11.82
CA VAL A 365 -24.11 -11.16 11.81
C VAL A 365 -22.78 -11.78 12.19
N GLU A 366 -22.80 -12.66 13.19
CA GLU A 366 -21.59 -13.35 13.58
C GLU A 366 -21.18 -14.29 12.45
N ILE A 367 -19.96 -14.17 11.96
CA ILE A 367 -19.49 -15.09 10.93
C ILE A 367 -18.37 -16.01 11.40
N GLU A 368 -17.75 -15.68 12.54
CA GLU A 368 -16.86 -16.59 13.24
C GLU A 368 -16.70 -16.13 14.69
N THR A 369 -16.05 -16.95 15.51
CA THR A 369 -15.69 -16.59 16.87
C THR A 369 -14.23 -16.94 17.11
N GLY A 370 -13.69 -16.41 18.19
CA GLY A 370 -12.31 -16.66 18.55
C GLY A 370 -11.53 -15.37 18.57
N SER A 371 -10.24 -15.48 18.25
CA SER A 371 -9.36 -14.34 18.34
C SER A 371 -8.14 -14.46 17.41
N ILE A 372 -7.49 -13.32 17.20
CA ILE A 372 -6.22 -13.20 16.50
C ILE A 372 -5.29 -12.46 17.46
N VAL A 373 -4.06 -12.94 17.57
CA VAL A 373 -3.04 -12.28 18.39
C VAL A 373 -2.08 -11.55 17.47
N GLY A 374 -1.75 -10.32 17.81
CA GLY A 374 -0.76 -9.57 17.05
C GLY A 374 -0.18 -8.44 17.86
N GLY A 375 0.56 -7.56 17.19
CA GLY A 375 1.21 -6.43 17.82
C GLY A 375 2.70 -6.53 17.96
N PHE A 376 3.33 -7.39 17.15
CA PHE A 376 4.77 -7.62 17.19
C PHE A 376 5.49 -6.74 16.17
N ALA A 377 5.32 -5.43 16.35
CA ALA A 377 6.10 -4.47 15.60
C ALA A 377 7.50 -4.32 16.24
N HIS A 378 8.31 -3.39 15.77
CA HIS A 378 9.74 -3.45 16.09
C HIS A 378 10.05 -3.21 17.55
N HIS A 379 9.35 -2.27 18.19
CA HIS A 379 9.62 -2.02 19.62
C HIS A 379 9.34 -3.31 20.42
N GLN A 380 8.22 -3.94 20.16
CA GLN A 380 7.83 -5.15 20.85
C GLN A 380 8.80 -6.30 20.60
N VAL A 381 9.17 -6.54 19.35
CA VAL A 381 10.04 -7.69 19.08
C VAL A 381 11.46 -7.44 19.59
N LEU A 382 11.96 -6.21 19.43
CA LEU A 382 13.28 -5.87 19.93
C LEU A 382 13.34 -5.97 21.45
N ALA A 383 12.21 -5.73 22.11
CA ALA A 383 12.11 -5.91 23.56
C ALA A 383 12.40 -7.35 23.93
N LEU A 384 11.93 -8.26 23.09
CA LEU A 384 12.10 -9.71 23.26
C LEU A 384 13.35 -10.28 22.63
N ALA A 385 14.28 -9.43 22.23
CA ALA A 385 15.44 -9.89 21.44
C ALA A 385 16.26 -10.95 22.17
N ASP A 386 16.51 -10.78 23.46
CA ASP A 386 17.31 -11.77 24.21
C ASP A 386 16.70 -13.14 24.15
N LYS A 387 15.38 -13.21 24.32
CA LYS A 387 14.64 -14.45 24.32
C LYS A 387 14.70 -15.08 22.91
N VAL A 388 14.57 -14.24 21.89
CA VAL A 388 14.61 -14.72 20.51
C VAL A 388 16.01 -15.22 20.18
N VAL A 389 17.02 -14.45 20.58
CA VAL A 389 18.38 -14.80 20.27
C VAL A 389 18.75 -16.12 20.95
N GLU A 390 18.32 -16.31 22.19
CA GLU A 390 18.64 -17.56 22.89
C GLU A 390 17.93 -18.74 22.26
N ALA A 391 16.70 -18.53 21.76
CA ALA A 391 15.92 -19.57 21.10
C ALA A 391 16.59 -20.00 19.78
N VAL A 392 17.17 -19.04 19.07
CA VAL A 392 17.87 -19.35 17.82
C VAL A 392 19.19 -20.10 18.11
N LYS A 393 19.96 -19.61 19.07
CA LYS A 393 21.23 -20.27 19.40
C LYS A 393 21.04 -21.67 19.99
N SER A 394 19.93 -21.92 20.67
CA SER A 394 19.61 -23.22 21.24
C SER A 394 18.95 -24.18 20.26
N GLY A 395 18.53 -23.65 19.11
CA GLY A 395 17.83 -24.45 18.10
C GLY A 395 16.34 -24.56 18.27
N ALA A 396 15.78 -23.96 19.32
CA ALA A 396 14.32 -23.96 19.51
C ALA A 396 13.59 -23.25 18.34
N ILE A 397 14.19 -22.18 17.82
CA ILE A 397 13.76 -21.57 16.55
C ILE A 397 14.86 -21.79 15.53
N LYS A 398 14.55 -22.59 14.51
CA LYS A 398 15.46 -22.92 13.44
C LYS A 398 15.48 -21.84 12.38
N ARG A 399 14.33 -21.22 12.15
CA ARG A 399 14.19 -20.30 11.01
C ARG A 399 12.96 -19.41 11.15
N PHE A 400 13.08 -18.18 10.67
CA PHE A 400 11.93 -17.28 10.50
C PHE A 400 11.58 -17.26 9.03
N VAL A 401 10.28 -17.24 8.74
CA VAL A 401 9.82 -17.10 7.35
C VAL A 401 8.95 -15.85 7.26
N VAL A 402 9.40 -14.88 6.49
CA VAL A 402 8.65 -13.65 6.29
C VAL A 402 7.60 -13.95 5.21
N MET A 403 6.33 -13.89 5.59
CA MET A 403 5.21 -14.14 4.66
C MET A 403 4.28 -12.93 4.52
N ALA A 404 4.88 -11.76 4.68
CA ALA A 404 4.19 -10.49 4.54
C ALA A 404 3.70 -10.23 3.11
N GLY A 405 2.86 -9.22 2.97
CA GLY A 405 2.40 -8.76 1.69
C GLY A 405 0.90 -8.65 1.60
N CYS A 406 0.37 -8.90 0.40
CA CYS A 406 -1.04 -8.74 0.09
C CYS A 406 -1.69 -10.06 -0.17
N ASP A 407 -2.95 -10.18 0.27
CA ASP A 407 -3.82 -11.28 -0.14
C ASP A 407 -4.49 -10.91 -1.47
N GLY A 408 -5.19 -11.89 -2.02
CA GLY A 408 -6.00 -11.67 -3.19
C GLY A 408 -6.87 -12.86 -3.51
N ARG A 409 -7.52 -12.81 -4.68
CA ARG A 409 -8.57 -13.77 -5.02
C ARG A 409 -8.12 -15.10 -5.54
N GLN A 410 -6.99 -15.13 -6.22
CA GLN A 410 -6.63 -16.32 -7.00
C GLN A 410 -6.43 -17.52 -6.11
N LYS A 411 -6.98 -18.65 -6.55
CA LYS A 411 -7.03 -19.86 -5.74
C LYS A 411 -5.63 -20.45 -5.48
N SER A 412 -4.67 -20.11 -6.32
CA SER A 412 -3.29 -20.48 -6.14
C SER A 412 -2.73 -20.01 -4.79
N ARG A 413 -3.36 -19.02 -4.18
CA ARG A 413 -2.91 -18.49 -2.91
C ARG A 413 -3.14 -19.46 -1.75
N SER A 414 -3.85 -20.55 -2.00
CA SER A 414 -3.88 -21.64 -1.01
C SER A 414 -2.47 -22.10 -0.64
N TYR A 415 -1.51 -21.89 -1.55
CA TYR A 415 -0.08 -22.10 -1.29
C TYR A 415 0.35 -21.49 0.02
N TYR A 416 -0.06 -20.25 0.28
CA TYR A 416 0.40 -19.57 1.49
C TYR A 416 -0.14 -20.21 2.76
N THR A 417 -1.41 -20.60 2.73
CA THR A 417 -2.00 -21.31 3.85
C THR A 417 -1.28 -22.64 4.08
N GLU A 418 -1.01 -23.34 2.99
CA GLU A 418 -0.40 -24.65 3.08
C GLU A 418 1.06 -24.58 3.54
N VAL A 419 1.80 -23.56 3.12
CA VAL A 419 3.14 -23.34 3.63
C VAL A 419 3.08 -23.11 5.16
N ALA A 420 2.19 -22.24 5.62
CA ALA A 420 2.09 -21.96 7.06
C ALA A 420 1.79 -23.23 7.86
N GLU A 421 0.91 -24.06 7.30
CA GLU A 421 0.45 -25.29 7.96
C GLU A 421 1.52 -26.36 7.97
N ASN A 422 2.37 -26.37 6.95
CA ASN A 422 3.35 -27.46 6.76
C ASN A 422 4.77 -27.11 7.15
N LEU A 423 5.03 -25.87 7.52
CA LEU A 423 6.35 -25.50 8.01
C LEU A 423 6.63 -26.29 9.29
N PRO A 424 7.88 -26.66 9.51
CA PRO A 424 8.23 -27.39 10.74
C PRO A 424 7.86 -26.59 11.99
N LYS A 425 7.63 -27.29 13.10
CA LYS A 425 7.13 -26.67 14.32
C LYS A 425 8.16 -25.81 15.05
N ASP A 426 9.42 -25.82 14.59
CA ASP A 426 10.45 -24.96 15.14
C ASP A 426 10.75 -23.74 14.26
N THR A 427 9.75 -23.31 13.48
CA THR A 427 9.88 -22.08 12.69
C THR A 427 8.85 -21.08 13.15
N VAL A 428 9.13 -19.81 12.87
CA VAL A 428 8.26 -18.69 13.20
C VAL A 428 7.99 -17.91 11.93
N ILE A 429 6.71 -17.63 11.69
CA ILE A 429 6.26 -16.80 10.58
C ILE A 429 6.17 -15.35 11.05
N LEU A 430 6.79 -14.45 10.27
CA LEU A 430 6.70 -13.02 10.48
C LEU A 430 5.80 -12.48 9.38
N THR A 431 4.83 -11.64 9.74
CA THR A 431 3.92 -11.12 8.73
C THR A 431 3.56 -9.67 8.97
N ALA A 432 2.98 -9.06 7.94
CA ALA A 432 2.55 -7.67 7.89
C ALA A 432 1.79 -7.58 6.56
N GLY A 433 0.75 -6.77 6.49
CA GLY A 433 -0.11 -6.69 5.31
C GLY A 433 -1.17 -7.76 5.29
N CYS A 434 -2.11 -7.67 4.37
CA CYS A 434 -3.28 -8.53 4.45
C CYS A 434 -3.02 -9.96 3.97
N ALA A 435 -1.82 -10.22 3.46
CA ALA A 435 -1.36 -11.60 3.20
C ALA A 435 -1.56 -12.48 4.46
N LYS A 436 -1.48 -11.86 5.63
CA LYS A 436 -1.68 -12.54 6.88
C LYS A 436 -2.96 -13.35 6.95
N TYR A 437 -3.99 -12.95 6.22
CA TYR A 437 -5.28 -13.60 6.39
C TYR A 437 -5.32 -15.02 5.83
N ARG A 438 -4.30 -15.41 5.08
CA ARG A 438 -4.18 -16.80 4.66
C ARG A 438 -3.79 -17.72 5.80
N TYR A 439 -3.33 -17.20 6.92
CA TYR A 439 -2.86 -18.10 8.01
C TYR A 439 -3.02 -17.56 9.43
N ASN A 440 -3.65 -16.40 9.63
CA ASN A 440 -3.74 -15.83 10.98
C ASN A 440 -4.92 -16.33 11.83
N LYS A 441 -5.71 -17.24 11.28
CA LYS A 441 -6.80 -17.86 12.06
C LYS A 441 -6.55 -19.36 12.19
N LEU A 442 -5.31 -19.75 12.01
CA LEU A 442 -4.89 -21.13 12.28
C LEU A 442 -4.54 -21.26 13.76
N ASN A 443 -4.20 -22.48 14.17
CA ASN A 443 -3.81 -22.80 15.53
C ASN A 443 -2.41 -23.41 15.49
N LEU A 444 -1.42 -22.56 15.30
CA LEU A 444 -0.04 -23.02 15.12
C LEU A 444 0.76 -23.00 16.42
N GLY A 445 0.21 -22.40 17.47
CA GLY A 445 0.83 -22.42 18.78
C GLY A 445 2.05 -21.53 18.94
N ASP A 446 2.93 -21.89 19.86
CA ASP A 446 4.10 -21.08 20.19
C ASP A 446 5.37 -21.93 20.39
N ILE A 447 6.50 -21.24 20.50
CA ILE A 447 7.78 -21.85 20.83
C ILE A 447 8.27 -21.11 22.07
N GLY A 448 8.19 -21.78 23.22
CA GLY A 448 8.64 -21.17 24.46
C GLY A 448 8.00 -19.81 24.72
N GLY A 449 6.72 -19.69 24.37
CA GLY A 449 5.97 -18.47 24.58
C GLY A 449 5.94 -17.46 23.44
N ILE A 450 6.88 -17.57 22.49
CA ILE A 450 6.87 -16.75 21.28
C ILE A 450 5.87 -17.38 20.29
N PRO A 451 4.77 -16.71 19.96
CA PRO A 451 3.83 -17.28 19.00
C PRO A 451 4.48 -17.63 17.66
N ARG A 452 3.98 -18.67 16.99
CA ARG A 452 4.58 -19.07 15.73
C ARG A 452 4.16 -18.19 14.54
N VAL A 453 3.19 -17.29 14.75
CA VAL A 453 2.89 -16.20 13.81
C VAL A 453 2.96 -14.87 14.55
N LEU A 454 3.87 -14.02 14.10
CA LEU A 454 4.10 -12.71 14.69
C LEU A 454 3.68 -11.65 13.66
N ASP A 455 2.54 -11.00 13.93
CA ASP A 455 1.95 -9.99 13.08
C ASP A 455 2.42 -8.59 13.49
N ALA A 456 3.28 -8.00 12.68
CA ALA A 456 3.82 -6.67 12.92
C ALA A 456 2.86 -5.55 12.56
N GLY A 457 1.85 -5.82 11.75
CA GLY A 457 0.82 -4.86 11.44
C GLY A 457 0.42 -4.78 9.98
N GLN A 458 0.31 -3.55 9.50
CA GLN A 458 -0.09 -3.27 8.13
C GLN A 458 1.05 -3.55 7.18
N CYS A 459 0.77 -3.48 5.89
CA CYS A 459 1.85 -3.68 4.90
C CYS A 459 3.03 -2.73 5.17
N ASN A 460 2.75 -1.50 5.57
CA ASN A 460 3.80 -0.54 5.92
C ASN A 460 4.64 -1.02 7.09
N ASP A 461 4.06 -1.87 7.94
CA ASP A 461 4.81 -2.41 9.07
C ASP A 461 5.75 -3.55 8.67
N SER A 462 5.84 -3.83 7.37
CA SER A 462 7.00 -4.54 6.84
C SER A 462 8.28 -3.81 7.24
N TYR A 463 8.20 -2.50 7.48
CA TYR A 463 9.31 -1.74 8.02
C TYR A 463 9.82 -2.38 9.30
N SER A 464 8.92 -2.73 10.22
CA SER A 464 9.33 -3.36 11.46
C SER A 464 10.08 -4.66 11.19
N LEU A 465 9.65 -5.41 10.19
CA LEU A 465 10.31 -6.68 9.88
C LEU A 465 11.74 -6.43 9.43
N ALA A 466 11.95 -5.39 8.63
CA ALA A 466 13.29 -4.98 8.21
C ALA A 466 14.14 -4.51 9.40
N VAL A 467 13.57 -3.72 10.30
CA VAL A 467 14.29 -3.26 11.50
C VAL A 467 14.73 -4.45 12.34
N ILE A 468 13.86 -5.44 12.47
CA ILE A 468 14.14 -6.63 13.25
C ILE A 468 15.30 -7.41 12.59
N ALA A 469 15.23 -7.59 11.27
CA ALA A 469 16.30 -8.28 10.56
C ALA A 469 17.64 -7.56 10.73
N LEU A 470 17.64 -6.23 10.64
CA LEU A 470 18.87 -5.48 10.76
C LEU A 470 19.42 -5.61 12.17
N LYS A 471 18.55 -5.63 13.16
CA LYS A 471 18.99 -5.75 14.53
C LYS A 471 19.58 -7.14 14.75
N LEU A 472 18.94 -8.19 14.25
CA LEU A 472 19.43 -9.55 14.43
C LEU A 472 20.76 -9.73 13.72
N LYS A 473 20.91 -9.10 12.56
CA LYS A 473 22.19 -9.13 11.86
C LYS A 473 23.29 -8.65 12.80
N GLU A 474 23.04 -7.55 13.49
CA GLU A 474 24.01 -7.00 14.43
C GLU A 474 24.25 -7.91 15.64
N VAL A 475 23.19 -8.41 16.25
CA VAL A 475 23.31 -9.24 17.45
C VAL A 475 24.08 -10.52 17.17
N PHE A 476 23.83 -11.11 16.00
CA PHE A 476 24.50 -12.35 15.59
C PHE A 476 25.88 -12.11 14.97
N GLY A 477 26.26 -10.85 14.79
CA GLY A 477 27.59 -10.51 14.29
C GLY A 477 27.84 -10.92 12.85
N LEU A 478 26.80 -10.86 12.03
CA LEU A 478 26.91 -11.27 10.64
C LEU A 478 27.29 -10.13 9.73
N ASP A 479 28.03 -10.48 8.68
CA ASP A 479 28.48 -9.51 7.69
C ASP A 479 27.40 -9.18 6.67
N ASP A 480 26.49 -10.12 6.43
CA ASP A 480 25.51 -10.04 5.34
C ASP A 480 24.13 -10.37 5.89
N ILE A 481 23.18 -9.46 5.67
CA ILE A 481 21.81 -9.65 6.14
C ILE A 481 21.20 -10.98 5.68
N ASN A 482 21.63 -11.45 4.51
CA ASN A 482 21.14 -12.72 3.99
C ASN A 482 21.61 -13.97 4.68
N ASP A 483 22.58 -13.83 5.58
CA ASP A 483 23.07 -15.01 6.29
C ASP A 483 22.34 -15.25 7.59
N LEU A 484 21.37 -14.40 7.89
CA LEU A 484 20.40 -14.68 8.94
C LEU A 484 19.56 -15.89 8.61
N PRO A 485 19.07 -16.57 9.65
CA PRO A 485 18.18 -17.72 9.45
C PRO A 485 16.76 -17.25 9.18
N VAL A 486 16.62 -16.54 8.07
CA VAL A 486 15.37 -15.94 7.63
C VAL A 486 15.19 -16.21 6.15
N SER A 487 13.98 -16.62 5.80
CA SER A 487 13.56 -16.78 4.41
C SER A 487 12.41 -15.84 4.12
N TYR A 488 12.25 -15.49 2.86
CA TYR A 488 11.23 -14.52 2.45
C TYR A 488 10.33 -15.19 1.42
N ASP A 489 9.04 -15.26 1.73
CA ASP A 489 8.03 -15.88 0.84
C ASP A 489 6.83 -14.94 0.84
N ILE A 490 6.95 -13.91 0.03
CA ILE A 490 6.08 -12.74 0.06
C ILE A 490 5.01 -12.82 -1.01
N ALA A 491 3.77 -12.53 -0.63
CA ALA A 491 2.65 -12.47 -1.56
C ALA A 491 2.40 -11.01 -1.91
N TRP A 492 2.00 -10.74 -3.14
CA TRP A 492 1.78 -9.36 -3.53
C TRP A 492 0.49 -9.26 -4.33
N TYR A 493 -0.10 -8.08 -4.33
CA TYR A 493 -1.28 -7.82 -5.14
C TYR A 493 -1.21 -6.43 -5.73
N GLU A 494 -1.10 -5.42 -4.87
CA GLU A 494 -1.13 -4.04 -5.34
C GLU A 494 0.18 -3.31 -5.07
N GLN A 495 0.20 -2.01 -5.31
CA GLN A 495 1.44 -1.32 -5.58
C GLN A 495 2.24 -1.00 -4.31
N LYS A 496 1.56 -0.96 -3.17
CA LYS A 496 2.30 -0.84 -1.91
C LYS A 496 3.23 -2.03 -1.70
N ALA A 497 2.82 -3.22 -2.11
CA ALA A 497 3.70 -4.38 -2.01
C ALA A 497 4.95 -4.25 -2.85
N VAL A 498 4.80 -3.60 -4.01
CA VAL A 498 5.94 -3.34 -4.86
C VAL A 498 6.89 -2.37 -4.18
N ALA A 499 6.36 -1.33 -3.53
CA ALA A 499 7.20 -0.44 -2.75
C ALA A 499 7.97 -1.19 -1.64
N VAL A 500 7.30 -2.10 -0.96
CA VAL A 500 7.93 -2.88 0.10
C VAL A 500 9.03 -3.74 -0.52
N LEU A 501 8.73 -4.38 -1.65
CA LEU A 501 9.75 -5.19 -2.32
C LEU A 501 10.97 -4.37 -2.69
N LEU A 502 10.77 -3.18 -3.25
CA LEU A 502 11.89 -2.33 -3.66
C LEU A 502 12.70 -1.92 -2.42
N ALA A 503 12.04 -1.67 -1.30
CA ALA A 503 12.74 -1.37 -0.05
C ALA A 503 13.65 -2.53 0.36
N LEU A 504 13.12 -3.74 0.31
CA LEU A 504 13.89 -4.92 0.67
C LEU A 504 15.08 -5.09 -0.24
N LEU A 505 14.90 -4.87 -1.55
CA LEU A 505 16.01 -4.95 -2.48
C LEU A 505 17.05 -3.89 -2.19
N PHE A 506 16.62 -2.68 -1.85
CA PHE A 506 17.53 -1.61 -1.50
C PHE A 506 18.32 -1.99 -0.26
N LEU A 507 17.69 -2.67 0.70
CA LEU A 507 18.38 -3.15 1.91
C LEU A 507 19.23 -4.41 1.68
N GLY A 508 19.24 -4.91 0.46
CA GLY A 508 20.16 -5.94 0.07
C GLY A 508 19.66 -7.34 0.27
N VAL A 509 18.36 -7.51 0.45
CA VAL A 509 17.79 -8.84 0.63
C VAL A 509 17.72 -9.55 -0.72
N LYS A 510 18.31 -10.73 -0.77
CA LYS A 510 18.36 -11.55 -1.97
C LYS A 510 17.61 -12.85 -1.74
N GLY A 511 17.12 -13.46 -2.82
CA GLY A 511 16.50 -14.76 -2.73
C GLY A 511 15.03 -14.74 -2.36
N ILE A 512 14.40 -13.57 -2.45
CA ILE A 512 12.99 -13.45 -2.15
C ILE A 512 12.16 -14.27 -3.13
N ARG A 513 11.25 -15.07 -2.59
CA ARG A 513 10.19 -15.70 -3.38
C ARG A 513 9.02 -14.72 -3.41
N LEU A 514 8.54 -14.43 -4.60
CA LEU A 514 7.47 -13.47 -4.82
C LEU A 514 6.37 -14.19 -5.56
N GLY A 515 5.14 -14.10 -5.08
CA GLY A 515 4.03 -14.81 -5.69
C GLY A 515 2.66 -14.25 -5.38
N PRO A 516 1.60 -14.91 -5.83
CA PRO A 516 1.64 -16.26 -6.44
C PRO A 516 2.08 -16.32 -7.89
N THR A 517 2.20 -15.15 -8.53
CA THR A 517 2.84 -15.00 -9.85
C THR A 517 3.80 -13.81 -9.78
N LEU A 518 4.59 -13.64 -10.83
CA LEU A 518 5.53 -12.53 -10.95
C LEU A 518 4.86 -11.43 -11.76
N PRO A 519 5.17 -10.17 -11.48
CA PRO A 519 4.55 -9.06 -12.19
C PRO A 519 4.65 -9.11 -13.71
N ALA A 520 3.54 -8.75 -14.33
CA ALA A 520 3.44 -8.61 -15.78
C ALA A 520 4.27 -7.45 -16.32
N PHE A 521 4.60 -6.50 -15.44
CA PHE A 521 5.33 -5.28 -15.81
C PHE A 521 6.84 -5.44 -15.75
N LEU A 522 7.32 -6.67 -15.54
CA LEU A 522 8.74 -7.01 -15.72
C LEU A 522 8.94 -7.65 -17.09
N SER A 523 9.64 -6.97 -17.97
CA SER A 523 9.96 -7.54 -19.29
C SER A 523 11.01 -8.63 -19.06
N PRO A 524 11.18 -9.52 -20.01
CA PRO A 524 12.23 -10.55 -19.88
C PRO A 524 13.60 -10.02 -19.49
N ASN A 525 14.07 -8.95 -20.12
CA ASN A 525 15.38 -8.41 -19.80
C ASN A 525 15.45 -7.78 -18.42
N VAL A 526 14.35 -7.15 -17.99
CA VAL A 526 14.32 -6.52 -16.68
C VAL A 526 14.23 -7.58 -15.59
N ALA A 527 13.42 -8.61 -15.83
CA ALA A 527 13.38 -9.75 -14.93
C ALA A 527 14.77 -10.37 -14.78
N LYS A 528 15.53 -10.46 -15.88
CA LYS A 528 16.89 -11.01 -15.81
C LYS A 528 17.82 -10.17 -14.94
N VAL A 529 17.72 -8.86 -15.04
CA VAL A 529 18.47 -7.93 -14.18
C VAL A 529 18.13 -8.19 -12.73
N LEU A 530 16.85 -8.35 -12.40
CA LEU A 530 16.45 -8.57 -11.01
C LEU A 530 16.90 -9.95 -10.50
N VAL A 531 16.88 -10.97 -11.36
CA VAL A 531 17.38 -12.29 -10.97
C VAL A 531 18.90 -12.20 -10.78
N GLU A 532 19.58 -11.54 -11.70
CA GLU A 532 21.04 -11.45 -11.63
C GLU A 532 21.51 -10.67 -10.39
N ASN A 533 20.85 -9.56 -10.09
CA ASN A 533 21.26 -8.70 -8.99
C ASN A 533 20.71 -9.20 -7.66
N PHE A 534 19.52 -9.82 -7.65
CA PHE A 534 18.78 -10.01 -6.39
C PHE A 534 18.25 -11.41 -6.17
N ASN A 535 18.44 -12.31 -7.14
CA ASN A 535 17.99 -13.68 -7.02
C ASN A 535 16.52 -13.80 -6.65
N ILE A 536 15.68 -12.97 -7.25
CA ILE A 536 14.24 -13.12 -7.01
C ILE A 536 13.75 -14.40 -7.67
N LYS A 537 12.82 -15.07 -7.00
CA LYS A 537 12.32 -16.37 -7.44
C LYS A 537 10.80 -16.38 -7.44
N PRO A 538 10.19 -17.15 -8.33
CA PRO A 538 8.76 -17.46 -8.24
C PRO A 538 8.51 -18.54 -7.21
N ILE A 539 7.26 -18.75 -6.86
CA ILE A 539 6.93 -19.85 -5.98
C ILE A 539 6.93 -21.16 -6.75
N GLY A 540 7.21 -22.23 -6.02
CA GLY A 540 7.13 -23.59 -6.51
C GLY A 540 6.06 -24.33 -5.75
N THR A 541 6.22 -25.64 -5.58
CA THR A 541 5.27 -26.37 -4.77
C THR A 541 5.54 -26.07 -3.31
N VAL A 542 4.54 -26.36 -2.49
CA VAL A 542 4.65 -26.14 -1.05
C VAL A 542 5.81 -26.96 -0.48
N GLN A 543 5.85 -28.23 -0.84
CA GLN A 543 6.89 -29.12 -0.35
C GLN A 543 8.28 -28.68 -0.80
N ASP A 544 8.42 -28.32 -2.05
CA ASP A 544 9.73 -27.94 -2.57
C ASP A 544 10.20 -26.64 -1.94
N ASP A 545 9.30 -25.69 -1.79
CA ASP A 545 9.70 -24.40 -1.27
C ASP A 545 10.04 -24.47 0.21
N ILE A 546 9.30 -25.28 0.96
CA ILE A 546 9.62 -25.44 2.37
C ILE A 546 11.01 -26.06 2.52
N ALA A 547 11.29 -27.11 1.75
CA ALA A 547 12.59 -27.75 1.82
C ALA A 547 13.73 -26.81 1.49
N ALA A 548 13.53 -26.00 0.44
CA ALA A 548 14.54 -25.10 -0.01
C ALA A 548 14.74 -24.00 1.04
N MET A 549 13.66 -23.49 1.60
CA MET A 549 13.79 -22.43 2.61
C MET A 549 14.50 -22.94 3.87
N MET A 550 14.21 -24.18 4.28
CA MET A 550 14.85 -24.73 5.48
C MET A 550 16.34 -24.96 5.28
N ALA A 551 16.74 -25.08 4.01
CA ALA A 551 18.15 -25.19 3.62
C ALA A 551 18.81 -23.84 3.40
N GLY A 552 18.07 -22.76 3.65
CA GLY A 552 18.57 -21.42 3.39
C GLY A 552 18.67 -21.04 1.93
N LYS A 553 17.90 -21.72 1.08
CA LYS A 553 17.86 -21.43 -0.36
C LYS A 553 16.42 -21.27 -0.88
FE1 SF4 B . -5.09 -2.82 -13.61
FE2 SF4 B . -7.42 -3.78 -12.41
FE3 SF4 B . -5.10 -4.92 -11.89
FE4 SF4 B . -6.17 -5.18 -14.34
S1 SF4 B . -7.03 -6.07 -12.43
S2 SF4 B . -3.94 -4.76 -13.83
S3 SF4 B . -7.17 -3.12 -14.58
S4 SF4 B . -5.61 -2.72 -11.37
FE1 SF3 C . -4.06 -5.45 1.35
FE3 SF3 C . -5.63 -4.39 -0.62
FE4 SF3 C . -1.93 -4.94 -0.38
FE7 SF3 C . -1.83 -2.81 3.12
S1 SF3 C . -5.72 -3.90 1.54
S2 SF3 C . -1.94 -4.83 1.96
S3 SF3 C . -3.96 -5.83 -0.97
C1 GOL D . -9.44 -2.56 21.85
O1 GOL D . -10.58 -2.04 22.52
C2 GOL D . -9.57 -4.08 21.77
O2 GOL D . -10.88 -4.41 21.32
C3 GOL D . -8.45 -4.65 20.90
O3 GOL D . -8.91 -5.71 20.10
C1 GOL E . -10.93 -8.89 -19.98
O1 GOL E . -12.11 -8.28 -20.43
C2 GOL E . -9.87 -8.12 -20.74
O2 GOL E . -9.37 -7.11 -19.93
C3 GOL E . -8.86 -9.00 -21.45
O3 GOL E . -7.67 -8.30 -21.70
#